data_3BB0
#
_entry.id   3BB0
#
_cell.length_a   128.060
_cell.length_b   128.060
_cell.length_c   103.310
_cell.angle_alpha   90.00
_cell.angle_beta   90.00
_cell.angle_gamma   120.00
#
_symmetry.space_group_name_H-M   'H 3'
#
loop_
_entity.id
_entity.type
_entity.pdbx_description
1 polymer 'Vanadium chloroperoxidase'
2 non-polymer 'PHOSPHITE ION'
3 non-polymer 'SULFATE ION'
4 water water
#
_entity_poly.entity_id   1
_entity_poly.type   'polypeptide(L)'
_entity_poly.pdbx_seq_one_letter_code
;MGSVTPIPLPKIDEPEEYNTNYILFWNHVGLELNRVTHTVGGPLTGPPLSARALGMLHLAIHDAYFSI(CSO)PPTDFTT
FLSPDTENAAYRLPSPNGANDARQAVAGAALKMLSSLYMKPVEQPNPNPGANISDNAYAQLGLVLDRSVLEAPGGVDRES
ASFMFGEDVADVFFALLNDPRGASQEGYHPTPGRYKFDDEPTHPVVLIPVDPNNPNGPKMPFRQYHAPFYGKTTKRFATQ
SEHFLADPPGLRSNADETAEYDDAVRVAIAMGGAQALNSTKRSPWQTAQGLYWAYDGSNLIGTPPRFYNQIVRRIAVTYK
KEEDLANSEVNNADFARLFALVDVACTDAGIFSWKEKWEFEFWRPLSGVRDDGRPDHGDPFWLTLGAPATNTNDIPFKPP
FPAYPSGHATFGGAVFQMVRRYYNGRVGTWKDDEPDNIAIDMMISEELNGVNRDLRQPYDPTAPIEDQPGIVRTRIVRHF
DSAWELMFENAISRIFLGVHWRFDAAAARDILIPTTTKDVYAVDNNGATVFQNVEDIRYTTRGTREDREGLFPIGGVPLG
IEIADEIFNNGLKPTPPEIQPMPQETPVQKPVGQQPVKGMWEEEQAPVVKEAP
;
_entity_poly.pdbx_strand_id   A
#
loop_
_chem_comp.id
_chem_comp.type
_chem_comp.name
_chem_comp.formula
PO3 non-polymer 'PHOSPHITE ION' 'O3 P -3'
SO4 non-polymer 'SULFATE ION' 'O4 S -2'
#
# COMPACT_ATOMS: atom_id res chain seq x y z
N VAL A 4 23.69 4.14 -18.91
CA VAL A 4 22.59 3.63 -18.02
C VAL A 4 22.51 2.10 -18.09
N THR A 5 23.12 1.45 -17.09
CA THR A 5 23.13 -0.01 -16.95
C THR A 5 21.81 -0.43 -16.31
N PRO A 6 20.98 -1.23 -17.01
CA PRO A 6 19.66 -1.55 -16.43
C PRO A 6 19.74 -2.39 -15.16
N ILE A 7 18.86 -2.08 -14.21
CA ILE A 7 18.72 -2.85 -12.97
C ILE A 7 18.32 -4.29 -13.30
N PRO A 8 19.13 -5.29 -12.93
CA PRO A 8 18.67 -6.66 -13.13
C PRO A 8 17.56 -7.07 -12.15
N LEU A 9 16.36 -7.24 -12.66
CA LEU A 9 15.19 -7.53 -11.81
C LEU A 9 15.05 -9.03 -11.59
N PRO A 10 14.92 -9.45 -10.32
CA PRO A 10 14.81 -10.90 -10.10
C PRO A 10 13.45 -11.47 -10.54
N LYS A 11 13.42 -12.78 -10.76
CA LYS A 11 12.24 -13.51 -11.19
C LYS A 11 11.08 -13.32 -10.21
N ILE A 12 9.88 -13.21 -10.76
CA ILE A 12 8.65 -13.12 -9.99
C ILE A 12 8.07 -14.53 -9.85
N ASP A 13 7.66 -14.89 -8.64
CA ASP A 13 7.00 -16.16 -8.40
C ASP A 13 5.52 -16.07 -8.77
N GLU A 14 5.26 -16.29 -10.05
CA GLU A 14 3.91 -16.26 -10.60
C GLU A 14 3.95 -17.07 -11.90
N PRO A 15 2.89 -17.85 -12.19
CA PRO A 15 2.87 -18.55 -13.48
C PRO A 15 2.99 -17.61 -14.67
N GLU A 16 3.79 -17.99 -15.66
CA GLU A 16 4.00 -17.16 -16.84
C GLU A 16 2.71 -16.87 -17.60
N GLU A 17 1.75 -17.79 -17.53
CA GLU A 17 0.49 -17.61 -18.27
C GLU A 17 -0.28 -16.33 -17.90
N TYR A 18 -0.08 -15.80 -16.70
CA TYR A 18 -0.85 -14.61 -16.28
C TYR A 18 -0.66 -13.47 -17.26
N ASN A 19 0.58 -13.25 -17.69
CA ASN A 19 0.88 -12.09 -18.53
C ASN A 19 0.48 -12.25 -20.00
N THR A 20 -0.13 -13.39 -20.32
CA THR A 20 -0.75 -13.55 -21.65
C THR A 20 -2.10 -12.82 -21.70
N ASN A 21 -2.62 -12.42 -20.55
CA ASN A 21 -3.80 -11.57 -20.48
C ASN A 21 -3.36 -10.13 -20.53
N TYR A 22 -3.95 -9.31 -21.40
CA TYR A 22 -3.44 -7.95 -21.54
C TYR A 22 -3.76 -7.02 -20.37
N ILE A 23 -4.87 -7.26 -19.67
CA ILE A 23 -5.15 -6.49 -18.45
C ILE A 23 -4.10 -6.82 -17.38
N LEU A 24 -3.87 -8.10 -17.14
CA LEU A 24 -2.82 -8.51 -16.19
C LEU A 24 -1.45 -8.05 -16.63
N PHE A 25 -1.19 -8.07 -17.93
CA PHE A 25 0.11 -7.58 -18.38
C PHE A 25 0.38 -6.14 -17.95
N TRP A 26 -0.57 -5.24 -18.21
CA TRP A 26 -0.34 -3.83 -17.88
C TRP A 26 -0.31 -3.60 -16.36
N ASN A 27 -1.10 -4.36 -15.61
CA ASN A 27 -0.96 -4.34 -14.14
C ASN A 27 0.48 -4.67 -13.75
N HIS A 28 1.01 -5.74 -14.34
CA HIS A 28 2.39 -6.18 -14.10
C HIS A 28 3.40 -5.06 -14.40
N VAL A 29 3.22 -4.34 -15.51
CA VAL A 29 4.10 -3.21 -15.83
C VAL A 29 4.03 -2.16 -14.72
N GLY A 30 2.82 -1.84 -14.25
CA GLY A 30 2.66 -0.91 -13.13
C GLY A 30 3.45 -1.38 -11.91
N LEU A 31 3.42 -2.68 -11.62
CA LEU A 31 4.15 -3.20 -10.46
C LEU A 31 5.66 -3.19 -10.66
N GLU A 32 6.12 -3.41 -11.89
CA GLU A 32 7.56 -3.32 -12.20
C GLU A 32 8.05 -1.89 -11.96
N LEU A 33 7.29 -0.89 -12.40
CA LEU A 33 7.65 0.51 -12.18
C LEU A 33 7.67 0.82 -10.69
N ASN A 34 6.71 0.26 -9.94
CA ASN A 34 6.72 0.39 -8.48
C ASN A 34 8.03 -0.12 -7.88
N ARG A 35 8.44 -1.34 -8.21
CA ARG A 35 9.65 -1.82 -7.57
C ARG A 35 10.92 -1.13 -8.08
N VAL A 36 10.95 -0.76 -9.36
CA VAL A 36 12.12 -0.03 -9.88
C VAL A 36 12.23 1.36 -9.26
N THR A 37 11.12 2.07 -9.09
CA THR A 37 11.21 3.42 -8.57
C THR A 37 11.72 3.45 -7.12
N HIS A 38 11.44 2.37 -6.39
CA HIS A 38 11.96 2.22 -5.01
C HIS A 38 13.37 1.70 -4.91
N THR A 39 13.94 1.30 -6.05
CA THR A 39 15.33 0.89 -6.14
C THR A 39 16.23 2.04 -6.57
N VAL A 40 15.71 2.91 -7.42
CA VAL A 40 16.50 3.98 -8.04
C VAL A 40 16.21 5.37 -7.47
N GLY A 41 15.20 5.47 -6.62
CA GLY A 41 14.81 6.77 -6.08
C GLY A 41 14.11 7.63 -7.11
N GLY A 42 13.06 7.09 -7.72
CA GLY A 42 12.30 7.85 -8.70
C GLY A 42 11.05 8.51 -8.13
N PRO A 43 10.11 8.86 -9.02
CA PRO A 43 8.83 9.43 -8.59
C PRO A 43 7.88 8.40 -7.98
N LEU A 44 6.85 8.92 -7.31
CA LEU A 44 5.75 8.09 -6.82
C LEU A 44 6.18 7.03 -5.82
N THR A 45 7.18 7.37 -5.01
CA THR A 45 7.61 6.48 -3.94
C THR A 45 6.74 6.63 -2.70
N GLY A 46 6.78 5.59 -1.88
CA GLY A 46 6.09 5.59 -0.60
C GLY A 46 4.72 4.97 -0.74
N PRO A 47 4.14 4.55 0.39
CA PRO A 47 2.86 3.83 0.28
C PRO A 47 1.65 4.58 -0.35
N PRO A 48 1.28 5.77 0.15
CA PRO A 48 0.04 6.38 -0.43
C PRO A 48 0.16 6.77 -1.90
N LEU A 49 1.30 7.33 -2.30
CA LEU A 49 1.43 7.75 -3.70
C LEU A 49 1.66 6.58 -4.65
N SER A 50 2.35 5.55 -4.18
CA SER A 50 2.45 4.35 -5.02
C SER A 50 1.08 3.70 -5.23
N ALA A 51 0.20 3.78 -4.22
CA ALA A 51 -1.17 3.28 -4.38
C ALA A 51 -1.89 4.12 -5.44
N ARG A 52 -1.76 5.45 -5.31
CA ARG A 52 -2.40 6.38 -6.24
C ARG A 52 -2.02 6.10 -7.71
N ALA A 53 -0.74 5.81 -7.96
CA ALA A 53 -0.32 5.50 -9.32
C ALA A 53 -1.07 4.30 -9.90
N LEU A 54 -1.25 3.25 -9.08
CA LEU A 54 -1.98 2.07 -9.54
C LEU A 54 -3.47 2.33 -9.72
N GLY A 55 -4.06 3.14 -8.84
CA GLY A 55 -5.46 3.56 -9.01
C GLY A 55 -5.64 4.30 -10.33
N MET A 56 -4.70 5.19 -10.64
CA MET A 56 -4.75 5.96 -11.88
C MET A 56 -4.58 5.08 -13.11
N LEU A 57 -3.61 4.18 -13.08
CA LEU A 57 -3.42 3.18 -14.14
C LEU A 57 -4.72 2.42 -14.39
N HIS A 58 -5.34 1.91 -13.33
CA HIS A 58 -6.50 1.02 -13.53
C HIS A 58 -7.81 1.71 -13.84
N LEU A 59 -7.95 2.96 -13.41
CA LEU A 59 -9.08 3.79 -13.89
C LEU A 59 -8.97 4.07 -15.39
N ALA A 60 -7.77 4.42 -15.86
CA ALA A 60 -7.57 4.66 -17.29
C ALA A 60 -7.84 3.40 -18.10
N ILE A 61 -7.30 2.25 -17.65
CA ILE A 61 -7.54 0.97 -18.32
C ILE A 61 -9.03 0.67 -18.34
N HIS A 62 -9.68 0.84 -17.18
CA HIS A 62 -11.11 0.55 -17.03
C HIS A 62 -11.97 1.33 -18.03
N ASP A 63 -11.82 2.64 -18.02
CA ASP A 63 -12.67 3.48 -18.90
C ASP A 63 -12.33 3.33 -20.38
N ALA A 64 -11.07 3.05 -20.71
CA ALA A 64 -10.72 2.71 -22.10
C ALA A 64 -11.44 1.43 -22.53
N TYR A 65 -11.28 0.38 -21.74
CA TYR A 65 -11.84 -0.93 -22.05
C TYR A 65 -13.36 -0.86 -22.15
N PHE A 66 -13.99 -0.31 -21.12
CA PHE A 66 -15.45 -0.30 -21.04
C PHE A 66 -16.13 0.70 -21.96
N SER A 67 -15.35 1.58 -22.59
CA SER A 67 -15.87 2.41 -23.68
C SER A 67 -16.01 1.57 -24.96
N ILE A 68 -15.03 0.71 -25.21
CA ILE A 68 -15.07 -0.17 -26.39
C ILE A 68 -16.00 -1.38 -26.18
N CSO A 69 -16.05 -1.87 -24.94
CA CSO A 69 -16.87 -3.03 -24.57
CB CSO A 69 -15.99 -4.24 -24.18
SG CSO A 69 -14.56 -4.40 -25.26
C CSO A 69 -17.83 -2.69 -23.44
O CSO A 69 -17.58 -3.02 -22.29
OD CSO A 69 -15.09 -5.49 -26.58
N PRO A 70 -18.95 -2.01 -23.78
CA PRO A 70 -19.85 -1.49 -22.76
C PRO A 70 -20.39 -2.54 -21.78
N PRO A 71 -20.27 -2.28 -20.47
CA PRO A 71 -20.80 -3.20 -19.46
C PRO A 71 -22.30 -2.96 -19.21
N THR A 72 -22.95 -3.90 -18.56
CA THR A 72 -24.38 -3.78 -18.28
C THR A 72 -24.68 -3.49 -16.81
N ASP A 73 -23.87 -4.03 -15.91
CA ASP A 73 -24.11 -3.92 -14.47
C ASP A 73 -23.51 -2.67 -13.80
N PHE A 74 -22.70 -1.94 -14.56
CA PHE A 74 -22.07 -0.71 -14.07
C PHE A 74 -21.78 0.16 -15.28
N THR A 75 -21.20 1.33 -15.05
CA THR A 75 -20.82 2.23 -16.13
C THR A 75 -19.33 2.56 -16.07
N THR A 76 -18.86 3.28 -17.08
CA THR A 76 -17.56 3.93 -17.00
C THR A 76 -17.56 4.89 -15.80
N PHE A 77 -16.38 5.07 -15.19
CA PHE A 77 -16.19 5.96 -14.05
C PHE A 77 -16.48 7.40 -14.44
N LEU A 78 -15.90 7.84 -15.54
CA LEU A 78 -16.23 9.13 -16.16
C LEU A 78 -17.23 8.93 -17.29
N SER A 79 -18.09 9.93 -17.49
CA SER A 79 -19.08 9.91 -18.58
C SER A 79 -18.62 10.73 -19.77
N PRO A 80 -18.86 10.23 -21.00
CA PRO A 80 -18.52 11.02 -22.18
C PRO A 80 -19.48 12.20 -22.41
N ASP A 81 -20.58 12.23 -21.65
CA ASP A 81 -21.62 13.24 -21.83
C ASP A 81 -21.56 14.39 -20.81
N THR A 82 -20.59 14.34 -19.89
CA THR A 82 -20.43 15.35 -18.84
C THR A 82 -20.05 16.73 -19.42
N GLU A 83 -20.71 17.77 -18.92
CA GLU A 83 -20.45 19.15 -19.33
C GLU A 83 -19.11 19.66 -18.78
N ASN A 84 -18.80 19.29 -17.54
CA ASN A 84 -17.54 19.64 -16.90
C ASN A 84 -16.38 18.97 -17.62
N ALA A 85 -15.59 19.77 -18.34
CA ALA A 85 -14.51 19.28 -19.20
C ALA A 85 -13.54 18.35 -18.47
N ALA A 86 -13.22 18.70 -17.22
CA ALA A 86 -12.26 17.93 -16.42
C ALA A 86 -12.69 16.49 -16.18
N TYR A 87 -14.00 16.27 -16.20
CA TYR A 87 -14.59 14.96 -15.92
C TYR A 87 -15.14 14.27 -17.17
N ARG A 88 -14.89 14.85 -18.35
CA ARG A 88 -15.47 14.33 -19.59
C ARG A 88 -14.61 13.26 -20.24
N LEU A 89 -15.17 12.05 -20.33
CA LEU A 89 -14.50 10.96 -20.99
C LEU A 89 -14.48 11.18 -22.50
N PRO A 90 -13.32 11.00 -23.16
CA PRO A 90 -13.30 11.04 -24.62
C PRO A 90 -14.22 9.97 -25.21
N SER A 91 -14.74 10.23 -26.41
CA SER A 91 -15.51 9.23 -27.14
C SER A 91 -14.63 8.47 -28.14
N PRO A 92 -14.93 7.18 -28.39
CA PRO A 92 -14.13 6.35 -29.28
C PRO A 92 -14.26 6.68 -30.78
N ASN A 93 -15.42 7.23 -31.17
CA ASN A 93 -15.69 7.62 -32.57
C ASN A 93 -15.22 6.62 -33.65
N GLY A 94 -15.69 5.37 -33.56
CA GLY A 94 -15.28 4.34 -34.50
C GLY A 94 -14.21 3.37 -34.01
N ALA A 95 -13.40 3.81 -33.05
CA ALA A 95 -12.36 2.97 -32.45
C ALA A 95 -12.99 1.74 -31.82
N ASN A 96 -12.46 0.56 -32.16
CA ASN A 96 -13.14 -0.69 -31.81
C ASN A 96 -12.20 -1.82 -31.38
N ASP A 97 -10.96 -1.48 -31.05
CA ASP A 97 -9.96 -2.46 -30.63
C ASP A 97 -9.60 -2.26 -29.16
N ALA A 98 -10.20 -3.09 -28.31
CA ALA A 98 -10.03 -2.96 -26.84
C ALA A 98 -8.59 -3.19 -26.39
N ARG A 99 -7.91 -4.15 -27.00
CA ARG A 99 -6.50 -4.45 -26.68
C ARG A 99 -5.63 -3.21 -26.89
N GLN A 100 -5.81 -2.52 -28.00
CA GLN A 100 -5.02 -1.33 -28.28
C GLN A 100 -5.46 -0.12 -27.47
N ALA A 101 -6.76 -0.04 -27.19
CA ALA A 101 -7.28 1.02 -26.32
C ALA A 101 -6.64 0.93 -24.93
N VAL A 102 -6.58 -0.28 -24.40
CA VAL A 102 -5.95 -0.52 -23.10
C VAL A 102 -4.45 -0.23 -23.14
N ALA A 103 -3.77 -0.66 -24.21
CA ALA A 103 -2.34 -0.35 -24.35
C ALA A 103 -2.07 1.15 -24.34
N GLY A 104 -2.88 1.91 -25.07
CA GLY A 104 -2.70 3.37 -25.13
C GLY A 104 -2.93 4.02 -23.79
N ALA A 105 -3.99 3.58 -23.10
CA ALA A 105 -4.32 4.12 -21.78
C ALA A 105 -3.20 3.81 -20.77
N ALA A 106 -2.76 2.55 -20.76
CA ALA A 106 -1.71 2.13 -19.82
C ALA A 106 -0.39 2.83 -20.10
N LEU A 107 0.04 2.81 -21.37
CA LEU A 107 1.32 3.41 -21.70
C LEU A 107 1.35 4.91 -21.48
N LYS A 108 0.32 5.62 -21.93
CA LYS A 108 0.29 7.06 -21.72
C LYS A 108 0.22 7.39 -20.22
N MET A 109 -0.62 6.68 -19.48
CA MET A 109 -0.72 6.96 -18.04
C MET A 109 0.60 6.72 -17.32
N LEU A 110 1.23 5.57 -17.59
CA LEU A 110 2.48 5.23 -16.93
C LEU A 110 3.62 6.13 -17.37
N SER A 111 3.66 6.49 -18.66
CA SER A 111 4.66 7.45 -19.12
C SER A 111 4.48 8.82 -18.46
N SER A 112 3.24 9.28 -18.36
CA SER A 112 2.97 10.57 -17.73
C SER A 112 3.38 10.58 -16.25
N LEU A 113 3.08 9.47 -15.56
CA LEU A 113 3.43 9.33 -14.15
C LEU A 113 4.94 9.28 -13.91
N TYR A 114 5.67 8.52 -14.73
CA TYR A 114 7.06 8.19 -14.42
C TYR A 114 8.15 8.89 -15.24
N MET A 115 7.76 9.61 -16.28
CA MET A 115 8.74 10.28 -17.15
C MET A 115 9.30 11.53 -16.48
N LYS A 116 10.51 11.91 -16.91
CA LYS A 116 11.12 13.17 -16.50
C LYS A 116 10.24 14.34 -16.92
N PRO A 117 9.97 15.28 -15.98
CA PRO A 117 9.17 16.45 -16.34
C PRO A 117 9.95 17.38 -17.27
N VAL A 118 9.28 17.90 -18.29
CA VAL A 118 9.93 18.71 -19.33
C VAL A 118 9.91 20.19 -18.98
N GLU A 119 11.04 20.86 -19.19
CA GLU A 119 11.20 22.32 -19.04
C GLU A 119 10.91 22.88 -17.64
N GLN A 120 11.14 24.18 -17.47
CA GLN A 120 10.96 24.91 -16.20
C GLN A 120 11.65 24.27 -15.00
N PRO A 121 12.43 23.22 -15.28
CA PRO A 121 13.11 22.39 -14.27
C PRO A 121 12.22 22.04 -13.07
N ASN A 122 11.20 21.24 -13.34
CA ASN A 122 10.25 20.81 -12.31
C ASN A 122 10.90 19.80 -11.37
N PRO A 123 11.52 20.32 -10.31
CA PRO A 123 12.23 19.51 -9.33
C PRO A 123 12.21 20.19 -7.98
N ASN A 124 11.82 19.45 -6.95
CA ASN A 124 11.73 19.97 -5.59
C ASN A 124 13.07 19.82 -4.85
N PRO A 125 13.52 20.89 -4.20
CA PRO A 125 14.77 20.89 -3.45
C PRO A 125 14.71 19.91 -2.27
N GLY A 126 15.54 18.88 -2.31
CA GLY A 126 15.55 17.82 -1.30
C GLY A 126 14.79 16.59 -1.75
N ALA A 127 13.98 16.76 -2.80
CA ALA A 127 13.18 15.71 -3.43
C ALA A 127 13.51 15.65 -4.92
N ASN A 128 14.77 15.92 -5.26
CA ASN A 128 15.23 15.92 -6.64
C ASN A 128 15.48 14.49 -7.09
N ILE A 129 15.09 14.18 -8.32
CA ILE A 129 15.21 12.83 -8.85
C ILE A 129 16.32 12.80 -9.91
N SER A 130 17.17 11.77 -9.85
CA SER A 130 18.31 11.67 -10.78
C SER A 130 17.88 11.37 -12.21
N ASP A 131 18.68 11.79 -13.16
CA ASP A 131 18.49 11.42 -14.56
C ASP A 131 18.50 9.89 -14.71
N ASN A 132 19.42 9.22 -14.01
CA ASN A 132 19.46 7.76 -14.04
C ASN A 132 18.13 7.14 -13.62
N ALA A 133 17.52 7.65 -12.56
CA ALA A 133 16.24 7.10 -12.11
C ALA A 133 15.18 7.16 -13.22
N TYR A 134 15.02 8.31 -13.86
CA TYR A 134 14.08 8.43 -14.95
C TYR A 134 14.44 7.49 -16.10
N ALA A 135 15.73 7.36 -16.39
CA ALA A 135 16.17 6.49 -17.49
C ALA A 135 15.88 5.02 -17.22
N GLN A 136 16.09 4.61 -15.97
CA GLN A 136 15.79 3.22 -15.56
C GLN A 136 14.31 2.91 -15.73
N LEU A 137 13.46 3.85 -15.36
CA LEU A 137 12.01 3.68 -15.50
C LEU A 137 11.58 3.70 -16.97
N GLY A 138 12.24 4.56 -17.76
CA GLY A 138 12.02 4.59 -19.21
C GLY A 138 12.30 3.24 -19.86
N LEU A 139 13.38 2.59 -19.41
CA LEU A 139 13.71 1.28 -19.95
C LEU A 139 12.63 0.25 -19.62
N VAL A 140 12.09 0.27 -18.40
CA VAL A 140 10.98 -0.60 -18.05
C VAL A 140 9.81 -0.43 -19.02
N LEU A 141 9.44 0.81 -19.31
CA LEU A 141 8.34 1.09 -20.24
C LEU A 141 8.66 0.60 -21.66
N ASP A 142 9.87 0.89 -22.14
CA ASP A 142 10.29 0.48 -23.48
C ASP A 142 10.26 -1.03 -23.62
N ARG A 143 10.77 -1.73 -22.61
CA ARG A 143 10.81 -3.20 -22.62
C ARG A 143 9.40 -3.78 -22.62
N SER A 144 8.47 -3.10 -21.92
CA SER A 144 7.07 -3.53 -21.82
C SER A 144 6.37 -3.50 -23.18
N VAL A 145 6.66 -2.46 -23.96
CA VAL A 145 6.07 -2.31 -25.29
C VAL A 145 6.35 -3.54 -26.16
N LEU A 146 7.58 -4.06 -26.06
CA LEU A 146 7.95 -5.23 -26.87
C LEU A 146 7.37 -6.53 -26.34
N GLU A 147 7.04 -6.56 -25.04
CA GLU A 147 6.53 -7.77 -24.40
C GLU A 147 5.01 -7.86 -24.38
N ALA A 148 4.32 -6.77 -24.66
CA ALA A 148 2.85 -6.75 -24.56
C ALA A 148 2.22 -7.83 -25.41
N PRO A 149 1.31 -8.63 -24.83
CA PRO A 149 0.71 -9.71 -25.63
C PRO A 149 -0.13 -9.14 -26.78
N GLY A 150 0.16 -9.59 -27.99
CA GLY A 150 -0.54 -9.09 -29.18
C GLY A 150 0.03 -7.80 -29.72
N GLY A 151 1.06 -7.28 -29.05
CA GLY A 151 1.79 -6.10 -29.53
C GLY A 151 1.12 -4.77 -29.29
N VAL A 152 1.87 -3.70 -29.57
CA VAL A 152 1.39 -2.34 -29.42
C VAL A 152 1.42 -1.65 -30.79
N ASP A 153 0.27 -1.14 -31.23
CA ASP A 153 0.18 -0.41 -32.49
C ASP A 153 -0.14 1.06 -32.22
N ARG A 154 0.91 1.88 -32.18
CA ARG A 154 0.81 3.30 -31.82
C ARG A 154 0.03 4.13 -32.85
N GLU A 155 -0.10 3.61 -34.06
CA GLU A 155 -0.78 4.33 -35.13
C GLU A 155 -2.28 4.05 -35.17
N SER A 156 -2.73 3.04 -34.44
CA SER A 156 -4.14 2.68 -34.44
C SER A 156 -5.03 3.72 -33.73
N ALA A 157 -6.23 3.92 -34.25
CA ALA A 157 -7.20 4.84 -33.66
C ALA A 157 -7.56 4.46 -32.22
N SER A 158 -7.65 3.15 -31.94
CA SER A 158 -7.95 2.68 -30.58
C SER A 158 -6.84 3.03 -29.61
N PHE A 159 -5.58 2.85 -30.02
CA PHE A 159 -4.44 3.24 -29.17
C PHE A 159 -4.50 4.71 -28.83
N MET A 160 -4.76 5.55 -29.84
CA MET A 160 -4.83 6.99 -29.64
C MET A 160 -6.00 7.39 -28.75
N PHE A 161 -7.12 6.68 -28.89
CA PHE A 161 -8.24 6.88 -27.98
C PHE A 161 -7.86 6.58 -26.52
N GLY A 162 -7.16 5.47 -26.30
CA GLY A 162 -6.67 5.11 -24.97
C GLY A 162 -5.78 6.18 -24.37
N GLU A 163 -4.90 6.75 -25.17
CA GLU A 163 -4.02 7.83 -24.71
C GLU A 163 -4.83 9.05 -24.29
N ASP A 164 -5.87 9.37 -25.07
CA ASP A 164 -6.75 10.49 -24.73
C ASP A 164 -7.47 10.24 -23.39
N VAL A 165 -7.88 9.00 -23.15
CA VAL A 165 -8.50 8.62 -21.86
C VAL A 165 -7.51 8.86 -20.73
N ALA A 166 -6.29 8.36 -20.91
CA ALA A 166 -5.23 8.56 -19.92
C ALA A 166 -5.00 10.03 -19.62
N ASP A 167 -5.00 10.86 -20.67
CA ASP A 167 -4.75 12.29 -20.51
C ASP A 167 -5.78 12.93 -19.59
N VAL A 168 -7.04 12.53 -19.75
CA VAL A 168 -8.11 13.07 -18.89
C VAL A 168 -7.89 12.69 -17.42
N PHE A 169 -7.65 11.41 -17.17
CA PHE A 169 -7.38 10.94 -15.81
C PHE A 169 -6.11 11.54 -15.21
N PHE A 170 -5.07 11.68 -16.02
CA PHE A 170 -3.82 12.25 -15.50
C PHE A 170 -4.01 13.71 -15.09
N ALA A 171 -4.68 14.49 -15.97
CA ALA A 171 -4.94 15.89 -15.64
C ALA A 171 -5.82 16.03 -14.39
N LEU A 172 -6.81 15.16 -14.26
CA LEU A 172 -7.75 15.25 -13.14
C LEU A 172 -7.10 14.85 -11.81
N LEU A 173 -6.39 13.72 -11.80
CA LEU A 173 -6.04 13.03 -10.54
C LEU A 173 -4.57 13.09 -10.14
N ASN A 174 -3.68 13.43 -11.05
CA ASN A 174 -2.27 13.53 -10.67
C ASN A 174 -2.09 14.57 -9.56
N ASP A 175 -1.25 14.25 -8.58
CA ASP A 175 -0.92 15.19 -7.51
C ASP A 175 0.60 15.25 -7.40
N PRO A 176 1.27 15.97 -8.33
CA PRO A 176 2.73 15.81 -8.43
C PRO A 176 3.53 16.21 -7.19
N ARG A 177 3.04 17.21 -6.46
CA ARG A 177 3.73 17.65 -5.24
C ARG A 177 2.99 17.24 -3.98
N GLY A 178 2.13 16.22 -4.10
CA GLY A 178 1.29 15.79 -2.99
C GLY A 178 2.04 15.35 -1.75
N ALA A 179 3.23 14.79 -1.95
CA ALA A 179 4.04 14.25 -0.85
C ALA A 179 4.99 15.26 -0.20
N SER A 180 4.90 16.51 -0.65
CA SER A 180 5.74 17.59 -0.11
C SER A 180 5.72 17.67 1.42
N GLN A 181 6.87 17.94 2.01
CA GLN A 181 6.96 18.11 3.45
C GLN A 181 7.34 19.52 3.87
N GLU A 182 7.41 20.45 2.92
CA GLU A 182 7.81 21.84 3.19
C GLU A 182 6.95 22.48 4.28
N GLY A 183 7.59 22.94 5.34
CA GLY A 183 6.89 23.61 6.43
C GLY A 183 6.40 22.73 7.57
N TYR A 184 6.54 21.41 7.44
CA TYR A 184 6.17 20.52 8.53
C TYR A 184 7.32 20.33 9.52
N HIS A 185 7.01 20.41 10.82
CA HIS A 185 7.97 20.09 11.87
C HIS A 185 7.28 19.34 13.00
N PRO A 186 7.94 18.28 13.53
CA PRO A 186 7.36 17.63 14.71
C PRO A 186 7.23 18.57 15.92
N THR A 187 6.30 18.23 16.82
CA THR A 187 6.10 18.92 18.09
C THR A 187 6.33 17.88 19.18
N PRO A 188 7.59 17.71 19.66
CA PRO A 188 7.85 16.61 20.61
C PRO A 188 7.06 16.69 21.92
N GLY A 189 6.91 15.53 22.54
CA GLY A 189 6.19 15.40 23.81
C GLY A 189 5.63 14.00 23.93
N ARG A 190 4.97 13.70 25.04
CA ARG A 190 4.43 12.34 25.19
C ARG A 190 3.41 12.08 24.08
N TYR A 191 3.48 10.87 23.51
CA TYR A 191 2.62 10.41 22.42
C TYR A 191 2.93 11.06 21.07
N LYS A 192 3.94 11.91 20.99
CA LYS A 192 4.17 12.70 19.79
C LYS A 192 5.22 12.14 18.83
N PHE A 193 4.80 11.92 17.59
CA PHE A 193 5.70 11.55 16.51
C PHE A 193 6.85 12.55 16.39
N ASP A 194 8.04 12.02 16.15
CA ASP A 194 9.27 12.79 15.93
C ASP A 194 10.25 11.85 15.22
N ASP A 195 11.40 12.38 14.80
CA ASP A 195 12.46 11.61 14.16
C ASP A 195 12.68 10.28 14.89
N GLU A 196 12.74 9.16 14.16
CA GLU A 196 12.89 7.85 14.83
C GLU A 196 14.31 7.72 15.37
N PRO A 197 14.46 7.29 16.62
CA PRO A 197 15.80 7.31 17.23
C PRO A 197 16.89 6.44 16.59
N THR A 198 16.53 5.39 15.86
CA THR A 198 17.54 4.60 15.14
C THR A 198 17.89 5.18 13.76
N HIS A 199 17.09 6.14 13.29
CA HIS A 199 17.31 6.79 11.99
C HIS A 199 16.87 8.25 12.04
N PRO A 200 17.56 9.05 12.87
CA PRO A 200 17.13 10.42 13.13
C PRO A 200 17.42 11.39 12.00
N VAL A 201 18.33 11.02 11.10
CA VAL A 201 18.76 11.89 10.02
C VAL A 201 19.41 10.98 8.98
N VAL A 202 19.31 11.36 7.70
CA VAL A 202 20.00 10.65 6.62
C VAL A 202 20.85 11.65 5.83
N LEU A 203 21.91 11.15 5.20
CA LEU A 203 22.75 11.96 4.34
C LEU A 203 22.38 11.65 2.91
N ILE A 204 22.03 12.70 2.17
CA ILE A 204 21.64 12.57 0.77
C ILE A 204 22.57 13.43 -0.10
N PRO A 205 22.74 13.03 -1.36
CA PRO A 205 23.57 13.86 -2.26
C PRO A 205 23.01 15.27 -2.40
N VAL A 206 23.88 16.27 -2.35
CA VAL A 206 23.51 17.62 -2.68
C VAL A 206 22.96 17.72 -4.12
N ASP A 207 23.58 16.96 -5.02
CA ASP A 207 23.21 16.88 -6.42
C ASP A 207 22.89 15.41 -6.70
N PRO A 208 21.62 15.10 -7.04
CA PRO A 208 21.29 13.68 -7.23
C PRO A 208 22.00 13.04 -8.43
N ASN A 209 22.51 13.88 -9.33
CA ASN A 209 23.28 13.39 -10.48
C ASN A 209 24.76 13.24 -10.17
N ASN A 210 25.14 13.56 -8.94
CA ASN A 210 26.48 13.30 -8.42
C ASN A 210 26.38 12.55 -7.08
N PRO A 211 25.96 11.27 -7.13
CA PRO A 211 25.69 10.51 -5.90
C PRO A 211 26.91 10.19 -5.06
N ASN A 212 28.09 10.15 -5.70
CA ASN A 212 29.33 9.87 -4.98
C ASN A 212 29.98 11.16 -4.47
N GLY A 213 29.36 12.30 -4.80
CA GLY A 213 29.84 13.60 -4.38
C GLY A 213 29.37 14.04 -3.00
N PRO A 214 29.43 15.36 -2.71
CA PRO A 214 29.07 15.93 -1.42
C PRO A 214 27.66 15.59 -0.98
N LYS A 215 27.50 15.41 0.34
CA LYS A 215 26.22 15.08 0.96
C LYS A 215 25.73 16.20 1.87
N MET A 216 24.45 16.15 2.20
CA MET A 216 23.81 17.07 3.13
C MET A 216 22.84 16.29 4.00
N PRO A 217 22.67 16.70 5.27
CA PRO A 217 21.71 16.02 6.11
C PRO A 217 20.28 16.33 5.71
N PHE A 218 19.40 15.37 5.95
CA PHE A 218 17.99 15.46 5.59
C PHE A 218 17.15 14.71 6.61
N ARG A 219 16.10 15.37 7.07
CA ARG A 219 15.13 14.74 7.96
C ARG A 219 13.84 14.59 7.19
N GLN A 220 13.50 13.34 6.89
CA GLN A 220 12.34 13.02 6.04
C GLN A 220 11.08 12.90 6.89
N TYR A 221 9.99 13.45 6.37
CA TYR A 221 8.65 13.26 6.94
C TYR A 221 7.75 12.95 5.77
N HIS A 222 7.19 11.73 5.76
CA HIS A 222 6.53 11.26 4.54
C HIS A 222 5.09 11.75 4.36
N ALA A 223 4.93 12.68 3.44
CA ALA A 223 3.63 13.16 2.94
C ALA A 223 2.69 13.70 4.03
N PRO A 224 3.16 14.68 4.84
CA PRO A 224 2.34 15.19 5.96
C PRO A 224 1.08 15.97 5.58
N PHE A 225 0.96 16.41 4.32
CA PHE A 225 -0.20 17.22 3.89
C PHE A 225 -1.10 16.53 2.89
N TYR A 226 -0.65 15.39 2.36
CA TYR A 226 -1.35 14.69 1.30
C TYR A 226 -2.79 14.35 1.67
N GLY A 227 -2.97 13.71 2.82
CA GLY A 227 -4.30 13.23 3.24
C GLY A 227 -5.31 14.36 3.37
N LYS A 228 -4.85 15.52 3.81
CA LYS A 228 -5.78 16.64 4.00
C LYS A 228 -6.03 17.48 2.74
N THR A 229 -5.15 17.39 1.74
CA THR A 229 -5.24 18.29 0.58
C THR A 229 -5.59 17.63 -0.76
N THR A 230 -5.23 16.35 -0.93
CA THR A 230 -5.34 15.70 -2.23
C THR A 230 -6.78 15.39 -2.63
N LYS A 231 -7.01 15.30 -3.93
CA LYS A 231 -8.29 14.83 -4.43
C LYS A 231 -8.47 13.34 -4.15
N ARG A 232 -9.60 13.00 -3.53
CA ARG A 232 -10.01 11.62 -3.32
C ARG A 232 -10.51 11.03 -4.64
N PHE A 233 -10.54 9.71 -4.75
CA PHE A 233 -10.92 9.06 -6.01
C PHE A 233 -12.41 8.71 -6.08
N ALA A 234 -12.87 7.86 -5.18
CA ALA A 234 -14.23 7.32 -5.29
C ALA A 234 -15.00 7.29 -3.97
N THR A 235 -14.37 7.76 -2.90
CA THR A 235 -15.09 7.92 -1.64
C THR A 235 -16.14 9.03 -1.75
N GLN A 236 -17.16 8.96 -0.88
CA GLN A 236 -18.31 9.85 -0.98
C GLN A 236 -18.55 10.62 0.33
N SER A 237 -17.57 10.52 1.23
CA SER A 237 -17.58 11.21 2.52
C SER A 237 -16.15 11.26 3.04
N GLU A 238 -15.95 12.05 4.10
CA GLU A 238 -14.70 12.00 4.85
C GLU A 238 -14.77 10.90 5.90
N HIS A 239 -13.67 10.18 6.08
CA HIS A 239 -13.60 9.07 7.02
C HIS A 239 -12.69 9.41 8.21
N PHE A 240 -13.07 8.96 9.41
CA PHE A 240 -12.45 9.36 10.66
C PHE A 240 -12.32 8.16 11.61
N LEU A 241 -11.23 8.17 12.39
CA LEU A 241 -11.01 7.15 13.43
C LEU A 241 -11.16 7.71 14.84
N ALA A 242 -11.48 6.83 15.79
CA ALA A 242 -11.47 7.17 17.21
C ALA A 242 -10.11 7.68 17.67
N ASP A 243 -10.10 8.59 18.65
CA ASP A 243 -8.84 9.01 19.27
C ASP A 243 -8.08 7.79 19.78
N PRO A 244 -6.76 7.72 19.52
CA PRO A 244 -6.04 6.57 20.04
C PRO A 244 -5.84 6.66 21.55
N PRO A 245 -5.70 5.50 22.22
CA PRO A 245 -5.44 5.50 23.66
C PRO A 245 -4.30 6.45 24.02
N GLY A 246 -4.54 7.29 25.03
CA GLY A 246 -3.57 8.28 25.43
C GLY A 246 -3.84 9.70 24.96
N LEU A 247 -4.63 9.83 23.89
CA LEU A 247 -4.89 11.13 23.28
C LEU A 247 -6.33 11.58 23.46
N ARG A 248 -6.48 12.88 23.72
CA ARG A 248 -7.75 13.59 23.55
C ARG A 248 -8.87 12.95 24.37
N SER A 249 -9.97 12.52 23.74
CA SER A 249 -11.10 11.95 24.48
C SER A 249 -10.76 10.60 25.13
N ASN A 250 -9.64 10.00 24.70
CA ASN A 250 -9.21 8.70 25.20
C ASN A 250 -7.90 8.77 25.96
N ALA A 251 -7.58 9.97 26.43
CA ALA A 251 -6.44 10.19 27.32
C ALA A 251 -6.54 9.36 28.61
N ASP A 252 -7.75 8.97 28.97
CA ASP A 252 -7.96 8.22 30.21
C ASP A 252 -7.88 6.69 30.04
N GLU A 253 -7.57 6.25 28.82
CA GLU A 253 -7.47 4.82 28.53
C GLU A 253 -6.07 4.30 28.89
N THR A 254 -5.74 4.47 30.16
CA THR A 254 -4.41 4.16 30.69
C THR A 254 -4.11 2.65 30.74
N ALA A 255 -5.11 1.85 31.12
CA ALA A 255 -4.93 0.41 31.17
C ALA A 255 -4.66 -0.15 29.78
N GLU A 256 -5.42 0.32 28.79
CA GLU A 256 -5.23 -0.07 27.39
C GLU A 256 -3.85 0.36 26.89
N TYR A 257 -3.48 1.63 27.13
CA TYR A 257 -2.17 2.10 26.69
C TYR A 257 -1.03 1.32 27.34
N ASP A 258 -1.08 1.15 28.67
CA ASP A 258 -0.01 0.43 29.37
C ASP A 258 0.11 -1.02 28.90
N ASP A 259 -1.02 -1.68 28.64
CA ASP A 259 -0.96 -3.04 28.15
C ASP A 259 -0.44 -3.09 26.71
N ALA A 260 -0.75 -2.05 25.92
CA ALA A 260 -0.24 -1.96 24.56
C ALA A 260 1.28 -1.84 24.57
N VAL A 261 1.83 -1.12 25.54
CA VAL A 261 3.29 -1.03 25.71
C VAL A 261 3.89 -2.41 26.02
N ARG A 262 3.31 -3.10 27.00
CA ARG A 262 3.76 -4.43 27.38
C ARG A 262 3.74 -5.39 26.20
N VAL A 263 2.62 -5.42 25.46
CA VAL A 263 2.49 -6.29 24.29
C VAL A 263 3.47 -5.87 23.20
N ALA A 264 3.66 -4.56 23.02
CA ALA A 264 4.61 -4.09 21.99
C ALA A 264 6.02 -4.64 22.24
N ILE A 265 6.47 -4.54 23.48
CA ILE A 265 7.79 -5.06 23.86
C ILE A 265 7.88 -6.57 23.62
N ALA A 266 6.91 -7.33 24.13
CA ALA A 266 7.00 -8.77 24.05
C ALA A 266 6.93 -9.26 22.61
N MET A 267 6.04 -8.66 21.81
CA MET A 267 5.75 -9.22 20.49
C MET A 267 6.54 -8.62 19.35
N GLY A 268 7.13 -7.45 19.57
CA GLY A 268 7.76 -6.70 18.49
C GLY A 268 9.26 -6.44 18.63
N GLY A 269 9.87 -6.95 19.70
CA GLY A 269 11.29 -6.67 19.97
C GLY A 269 12.24 -7.43 19.06
N ALA A 270 13.49 -6.98 19.03
CA ALA A 270 14.54 -7.68 18.27
C ALA A 270 14.67 -9.15 18.70
N GLN A 271 15.05 -9.98 17.75
CA GLN A 271 15.16 -11.43 17.94
C GLN A 271 15.86 -11.83 19.22
N ALA A 272 17.01 -11.22 19.49
CA ALA A 272 17.88 -11.67 20.57
C ALA A 272 17.55 -11.14 21.96
N LEU A 273 16.61 -10.21 22.06
CA LEU A 273 16.34 -9.61 23.37
C LEU A 273 15.65 -10.60 24.30
N ASN A 274 16.07 -10.58 25.57
CA ASN A 274 15.46 -11.44 26.59
C ASN A 274 13.97 -11.16 26.74
N SER A 275 13.55 -9.93 26.43
CA SER A 275 12.16 -9.53 26.56
C SER A 275 11.28 -9.94 25.38
N THR A 276 11.87 -10.44 24.29
CA THR A 276 11.10 -10.81 23.11
C THR A 276 10.54 -12.22 23.26
N LYS A 277 9.21 -12.29 23.16
CA LYS A 277 8.44 -13.54 23.33
C LYS A 277 7.80 -14.00 22.03
N ARG A 278 7.94 -13.21 20.97
CA ARG A 278 7.46 -13.60 19.62
C ARG A 278 8.06 -14.94 19.19
N SER A 279 7.28 -15.77 18.49
CA SER A 279 7.75 -17.07 18.01
C SER A 279 8.42 -16.90 16.64
N PRO A 280 9.25 -17.89 16.22
CA PRO A 280 9.80 -17.84 14.85
C PRO A 280 8.71 -17.74 13.76
N TRP A 281 7.58 -18.42 13.92
CA TRP A 281 6.52 -18.31 12.93
C TRP A 281 5.93 -16.90 12.87
N GLN A 282 5.77 -16.29 14.04
CA GLN A 282 5.29 -14.91 14.08
C GLN A 282 6.30 -13.93 13.46
N THR A 283 7.60 -14.20 13.56
CA THR A 283 8.56 -13.41 12.80
C THR A 283 8.28 -13.51 11.31
N ALA A 284 8.01 -14.74 10.83
CA ALA A 284 7.68 -14.95 9.43
C ALA A 284 6.40 -14.19 9.05
N GLN A 285 5.39 -14.23 9.92
CA GLN A 285 4.17 -13.47 9.66
C GLN A 285 4.46 -11.96 9.56
N GLY A 286 5.34 -11.47 10.42
CA GLY A 286 5.78 -10.06 10.40
C GLY A 286 6.43 -9.68 9.08
N LEU A 287 7.41 -10.48 8.66
CA LEU A 287 8.19 -10.16 7.46
C LEU A 287 7.42 -10.36 6.15
N TYR A 288 6.55 -11.38 6.12
CA TYR A 288 5.83 -11.74 4.90
C TYR A 288 5.11 -10.55 4.28
N TRP A 289 4.53 -9.70 5.13
CA TRP A 289 3.68 -8.60 4.69
C TRP A 289 4.38 -7.26 4.54
N ALA A 290 5.70 -7.24 4.74
CA ALA A 290 6.40 -5.96 4.89
C ALA A 290 6.38 -5.05 3.66
N TYR A 291 7.19 -5.37 2.65
CA TYR A 291 7.26 -4.53 1.45
C TYR A 291 7.39 -3.05 1.83
N ASP A 292 8.35 -2.76 2.70
CA ASP A 292 8.55 -1.42 3.21
C ASP A 292 9.51 -0.61 2.34
N GLY A 293 9.24 -0.60 1.04
CA GLY A 293 9.94 0.30 0.11
C GLY A 293 11.34 -0.15 -0.29
N SER A 294 11.61 -1.45 -0.14
CA SER A 294 12.95 -1.99 -0.32
C SER A 294 13.36 -2.16 -1.79
N ASN A 295 14.67 -2.16 -2.02
CA ASN A 295 15.23 -2.44 -3.32
C ASN A 295 14.67 -3.71 -3.91
N LEU A 296 14.25 -3.62 -5.17
CA LEU A 296 13.73 -4.78 -5.94
C LEU A 296 12.39 -5.29 -5.43
N ILE A 297 11.79 -4.59 -4.46
CA ILE A 297 10.55 -5.06 -3.81
C ILE A 297 9.44 -4.03 -3.85
N GLY A 298 9.75 -2.77 -3.54
CA GLY A 298 8.71 -1.73 -3.57
C GLY A 298 7.85 -1.68 -2.32
N THR A 299 6.59 -1.26 -2.48
CA THR A 299 5.71 -0.90 -1.37
C THR A 299 4.53 -1.86 -1.22
N PRO A 300 3.77 -1.74 -0.10
CA PRO A 300 2.68 -2.70 0.16
C PRO A 300 1.66 -2.84 -0.97
N PRO A 301 1.24 -1.72 -1.61
CA PRO A 301 0.35 -1.90 -2.77
C PRO A 301 0.88 -2.89 -3.81
N ARG A 302 2.19 -3.00 -4.02
CA ARG A 302 2.71 -4.00 -4.95
C ARG A 302 2.37 -5.42 -4.48
N PHE A 303 2.61 -5.73 -3.20
CA PHE A 303 2.28 -7.06 -2.70
C PHE A 303 0.78 -7.36 -2.77
N TYR A 304 -0.05 -6.38 -2.41
CA TYR A 304 -1.50 -6.61 -2.42
C TYR A 304 -1.92 -6.90 -3.85
N ASN A 305 -1.33 -6.22 -4.83
CA ASN A 305 -1.65 -6.53 -6.23
C ASN A 305 -1.17 -7.91 -6.66
N GLN A 306 0.01 -8.33 -6.20
CA GLN A 306 0.49 -9.69 -6.49
C GLN A 306 -0.50 -10.73 -5.99
N ILE A 307 -1.04 -10.51 -4.79
CA ILE A 307 -2.03 -11.41 -4.20
C ILE A 307 -3.33 -11.38 -5.01
N VAL A 308 -3.78 -10.18 -5.36
CA VAL A 308 -5.04 -10.05 -6.10
C VAL A 308 -4.91 -10.67 -7.49
N ARG A 309 -3.75 -10.62 -8.13
CA ARG A 309 -3.53 -11.33 -9.40
C ARG A 309 -3.78 -12.82 -9.22
N ARG A 310 -3.27 -13.42 -8.14
CA ARG A 310 -3.51 -14.85 -7.88
C ARG A 310 -4.99 -15.14 -7.64
N ILE A 311 -5.66 -14.31 -6.86
CA ILE A 311 -7.10 -14.45 -6.62
C ILE A 311 -7.83 -14.42 -7.96
N ALA A 312 -7.51 -13.42 -8.77
CA ALA A 312 -8.18 -13.22 -10.05
C ALA A 312 -8.06 -14.43 -10.96
N VAL A 313 -6.87 -14.98 -11.09
CA VAL A 313 -6.66 -16.12 -11.98
C VAL A 313 -7.28 -17.39 -11.37
N THR A 314 -7.19 -17.53 -10.05
CA THR A 314 -7.76 -18.71 -9.37
C THR A 314 -9.27 -18.80 -9.62
N TYR A 315 -9.95 -17.64 -9.57
CA TYR A 315 -11.42 -17.62 -9.62
C TYR A 315 -12.02 -17.07 -10.92
N LYS A 316 -11.20 -17.02 -11.97
CA LYS A 316 -11.65 -16.57 -13.30
C LYS A 316 -12.74 -17.51 -13.83
N LYS A 317 -13.63 -16.96 -14.64
CA LYS A 317 -14.77 -17.72 -15.17
C LYS A 317 -14.44 -18.56 -16.40
N GLU A 318 -13.37 -18.23 -17.12
CA GLU A 318 -12.98 -18.97 -18.33
C GLU A 318 -11.50 -19.37 -18.29
N GLU A 319 -11.18 -20.52 -18.86
CA GLU A 319 -9.82 -21.05 -18.80
C GLU A 319 -8.80 -20.24 -19.61
N ASP A 320 -9.23 -19.71 -20.75
CA ASP A 320 -8.33 -19.02 -21.66
C ASP A 320 -8.00 -17.63 -21.13
N LEU A 321 -6.75 -17.44 -20.73
CA LEU A 321 -6.31 -16.14 -20.23
C LEU A 321 -6.02 -15.13 -21.34
N ALA A 322 -5.82 -15.60 -22.57
CA ALA A 322 -5.41 -14.73 -23.66
C ALA A 322 -6.56 -14.18 -24.48
N ASN A 323 -7.56 -15.02 -24.73
CA ASN A 323 -8.58 -14.72 -25.74
C ASN A 323 -10.00 -14.56 -25.20
N SER A 324 -10.14 -14.39 -23.89
CA SER A 324 -11.47 -14.33 -23.25
C SER A 324 -11.91 -12.90 -22.92
N GLU A 325 -13.00 -12.43 -23.54
CA GLU A 325 -13.55 -11.12 -23.15
C GLU A 325 -14.13 -11.14 -21.75
N VAL A 326 -14.74 -12.27 -21.36
CA VAL A 326 -15.19 -12.44 -19.98
C VAL A 326 -14.05 -12.20 -18.98
N ASN A 327 -12.89 -12.83 -19.22
CA ASN A 327 -11.74 -12.63 -18.35
C ASN A 327 -11.23 -11.18 -18.41
N ASN A 328 -11.12 -10.62 -19.61
CA ASN A 328 -10.67 -9.22 -19.73
C ASN A 328 -11.54 -8.26 -18.94
N ALA A 329 -12.87 -8.40 -19.07
CA ALA A 329 -13.80 -7.54 -18.37
C ALA A 329 -13.73 -7.75 -16.85
N ASP A 330 -13.61 -9.01 -16.44
CA ASP A 330 -13.50 -9.39 -15.04
C ASP A 330 -12.29 -8.68 -14.41
N PHE A 331 -11.13 -8.82 -15.06
CA PHE A 331 -9.89 -8.24 -14.51
C PHE A 331 -9.90 -6.71 -14.57
N ALA A 332 -10.38 -6.15 -15.67
CA ALA A 332 -10.45 -4.70 -15.77
C ALA A 332 -11.27 -4.10 -14.64
N ARG A 333 -12.43 -4.71 -14.35
CA ARG A 333 -13.26 -4.21 -13.28
C ARG A 333 -12.68 -4.43 -11.88
N LEU A 334 -12.22 -5.65 -11.61
CA LEU A 334 -11.63 -5.97 -10.31
C LEU A 334 -10.47 -5.05 -9.94
N PHE A 335 -9.53 -4.87 -10.87
CA PHE A 335 -8.34 -4.09 -10.54
C PHE A 335 -8.63 -2.61 -10.40
N ALA A 336 -9.60 -2.09 -11.15
CA ALA A 336 -10.07 -0.74 -10.90
C ALA A 336 -10.67 -0.58 -9.49
N LEU A 337 -11.57 -1.49 -9.12
CA LEU A 337 -12.16 -1.46 -7.79
C LEU A 337 -11.10 -1.57 -6.69
N VAL A 338 -10.19 -2.51 -6.84
CA VAL A 338 -9.17 -2.77 -5.82
C VAL A 338 -8.16 -1.63 -5.69
N ASP A 339 -7.64 -1.15 -6.82
CA ASP A 339 -6.60 -0.13 -6.74
C ASP A 339 -7.14 1.26 -6.47
N VAL A 340 -8.41 1.51 -6.82
CA VAL A 340 -9.06 2.75 -6.34
C VAL A 340 -9.27 2.67 -4.83
N ALA A 341 -9.77 1.54 -4.34
CA ALA A 341 -9.91 1.39 -2.90
C ALA A 341 -8.55 1.53 -2.18
N CYS A 342 -7.50 0.95 -2.74
CA CYS A 342 -6.16 1.07 -2.14
C CYS A 342 -5.71 2.54 -2.11
N THR A 343 -6.04 3.30 -3.16
CA THR A 343 -5.71 4.73 -3.25
C THR A 343 -6.38 5.50 -2.14
N ASP A 344 -7.71 5.35 -2.02
CA ASP A 344 -8.42 6.13 -1.01
C ASP A 344 -8.06 5.68 0.40
N ALA A 345 -7.71 4.41 0.58
CA ALA A 345 -7.18 3.92 1.85
C ALA A 345 -5.89 4.64 2.21
N GLY A 346 -5.02 4.84 1.22
CA GLY A 346 -3.79 5.61 1.43
C GLY A 346 -4.08 7.04 1.85
N ILE A 347 -5.06 7.67 1.19
CA ILE A 347 -5.43 9.04 1.50
C ILE A 347 -5.91 9.18 2.94
N PHE A 348 -6.87 8.33 3.34
CA PHE A 348 -7.46 8.50 4.66
C PHE A 348 -6.58 8.03 5.80
N SER A 349 -5.80 6.97 5.57
CA SER A 349 -4.83 6.55 6.60
C SER A 349 -3.79 7.65 6.82
N TRP A 350 -3.31 8.24 5.72
CA TRP A 350 -2.35 9.35 5.85
C TRP A 350 -2.94 10.58 6.53
N LYS A 351 -4.18 10.90 6.14
CA LYS A 351 -4.89 12.01 6.77
C LYS A 351 -4.97 11.82 8.29
N GLU A 352 -5.40 10.63 8.72
CA GLU A 352 -5.48 10.34 10.16
C GLU A 352 -4.11 10.28 10.84
N LYS A 353 -3.12 9.67 10.15
CA LYS A 353 -1.78 9.60 10.71
C LYS A 353 -1.26 10.97 11.11
N TRP A 354 -1.39 11.93 10.18
CA TRP A 354 -0.84 13.26 10.42
C TRP A 354 -1.76 14.15 11.25
N GLU A 355 -3.05 13.81 11.32
CA GLU A 355 -3.94 14.50 12.26
C GLU A 355 -3.51 14.24 13.70
N PHE A 356 -3.30 12.96 14.03
CA PHE A 356 -2.99 12.59 15.40
C PHE A 356 -1.52 12.69 15.75
N GLU A 357 -0.65 12.51 14.77
CA GLU A 357 0.80 12.48 15.01
C GLU A 357 1.19 11.58 16.20
N PHE A 358 0.58 10.41 16.27
CA PHE A 358 0.88 9.46 17.35
C PHE A 358 2.24 8.79 17.14
N TRP A 359 3.02 8.71 18.22
CA TRP A 359 4.36 8.12 18.12
C TRP A 359 4.32 6.62 17.87
N ARG A 360 5.42 6.14 17.29
CA ARG A 360 5.65 4.72 17.03
C ARG A 360 6.08 3.99 18.32
N PRO A 361 5.85 2.66 18.40
CA PRO A 361 6.29 1.90 19.57
C PRO A 361 7.76 2.09 19.98
N LEU A 362 8.69 2.19 19.04
CA LEU A 362 10.09 2.35 19.41
C LEU A 362 10.28 3.59 20.29
N SER A 363 9.69 4.70 19.86
CA SER A 363 9.79 5.92 20.65
C SER A 363 8.95 5.89 21.91
N GLY A 364 7.76 5.31 21.83
CA GLY A 364 6.89 5.25 23.00
C GLY A 364 7.48 4.39 24.11
N VAL A 365 8.10 3.28 23.72
CA VAL A 365 8.73 2.39 24.70
C VAL A 365 9.98 3.06 25.27
N ARG A 366 10.81 3.64 24.41
CA ARG A 366 12.03 4.28 24.89
C ARG A 366 11.78 5.51 25.75
N ASP A 367 10.84 6.35 25.31
CA ASP A 367 10.57 7.65 25.95
C ASP A 367 9.48 7.60 27.00
N ASP A 368 9.00 6.39 27.34
CA ASP A 368 7.89 6.27 28.30
C ASP A 368 8.21 6.98 29.60
N GLY A 369 9.41 6.77 30.13
CA GLY A 369 9.88 7.49 31.31
C GLY A 369 9.60 6.86 32.66
N ARG A 370 8.74 5.83 32.68
CA ARG A 370 8.42 5.11 33.91
C ARG A 370 9.17 3.76 33.96
N PRO A 371 10.11 3.62 34.92
CA PRO A 371 10.87 2.37 35.10
C PRO A 371 10.07 1.05 35.05
N ASP A 372 8.86 1.02 35.57
CA ASP A 372 8.05 -0.20 35.57
C ASP A 372 7.33 -0.47 34.24
N HIS A 373 7.50 0.40 33.25
CA HIS A 373 6.81 0.26 31.98
C HIS A 373 7.73 0.38 30.77
N GLY A 374 8.64 1.36 30.78
CA GLY A 374 9.44 1.68 29.60
C GLY A 374 10.75 0.90 29.51
N ASP A 375 11.41 1.05 28.37
CA ASP A 375 12.76 0.50 28.18
C ASP A 375 13.50 1.46 27.27
N PRO A 376 14.33 2.35 27.85
CA PRO A 376 15.04 3.39 27.06
C PRO A 376 16.05 2.84 26.04
N PHE A 377 16.24 1.52 26.02
CA PHE A 377 17.25 0.87 25.17
C PHE A 377 16.64 -0.21 24.29
N TRP A 378 15.31 -0.23 24.21
CA TRP A 378 14.61 -1.23 23.43
C TRP A 378 14.96 -1.17 21.94
N LEU A 379 14.90 -2.33 21.29
CA LEU A 379 15.12 -2.42 19.86
C LEU A 379 14.00 -3.28 19.27
N THR A 380 13.53 -2.89 18.10
CA THR A 380 12.46 -3.62 17.41
C THR A 380 13.06 -4.66 16.45
N LEU A 381 12.24 -5.64 16.07
CA LEU A 381 12.54 -6.44 14.89
C LEU A 381 12.67 -5.49 13.69
N GLY A 382 11.65 -4.65 13.50
CA GLY A 382 11.70 -3.54 12.55
C GLY A 382 11.19 -3.82 11.15
N ALA A 383 10.94 -2.74 10.42
CA ALA A 383 10.64 -2.85 9.00
C ALA A 383 11.90 -3.38 8.33
N PRO A 384 11.80 -4.51 7.62
CA PRO A 384 13.00 -5.11 7.04
C PRO A 384 13.64 -4.23 5.96
N ALA A 385 14.96 -4.06 6.07
CA ALA A 385 15.73 -3.33 5.08
C ALA A 385 16.28 -4.36 4.09
N THR A 386 15.41 -4.79 3.18
CA THR A 386 15.71 -5.94 2.34
C THR A 386 16.53 -5.51 1.13
N ASN A 387 17.48 -6.35 0.75
CA ASN A 387 18.33 -6.09 -0.41
C ASN A 387 19.14 -4.82 -0.23
N THR A 388 19.50 -4.57 1.03
CA THR A 388 20.46 -3.54 1.38
C THR A 388 21.28 -4.02 2.58
N ASN A 389 22.35 -3.31 2.91
CA ASN A 389 23.12 -3.60 4.13
C ASN A 389 22.66 -2.77 5.34
N ASP A 390 21.63 -1.94 5.15
CA ASP A 390 21.10 -1.10 6.21
C ASP A 390 20.42 -1.91 7.30
N ILE A 391 20.27 -1.29 8.47
CA ILE A 391 19.63 -1.92 9.63
C ILE A 391 18.10 -1.71 9.53
N PRO A 392 17.30 -2.64 10.09
CA PRO A 392 15.85 -2.44 10.04
C PRO A 392 15.43 -1.11 10.70
N PHE A 393 14.28 -0.59 10.26
CA PHE A 393 13.92 0.78 10.56
C PHE A 393 12.47 0.97 11.01
N LYS A 394 12.13 2.25 11.20
CA LYS A 394 10.77 2.70 11.44
C LYS A 394 10.37 3.59 10.25
N PRO A 395 9.25 3.22 9.57
CA PRO A 395 8.78 4.05 8.44
C PRO A 395 8.51 5.48 8.94
N PRO A 396 8.93 6.52 8.16
CA PRO A 396 9.09 7.93 8.58
C PRO A 396 7.78 8.73 8.58
N PHE A 397 6.82 8.22 9.35
CA PHE A 397 5.50 8.82 9.47
C PHE A 397 4.83 8.27 10.71
N PRO A 398 3.80 8.96 11.24
CA PRO A 398 3.18 8.56 12.50
C PRO A 398 2.50 7.20 12.47
N ALA A 399 2.18 6.72 13.66
CA ALA A 399 1.74 5.36 13.89
C ALA A 399 0.27 5.06 13.64
N TYR A 400 -0.61 5.98 14.06
CA TYR A 400 -2.03 5.64 14.15
C TYR A 400 -2.85 6.31 13.05
N PRO A 401 -3.52 5.53 12.17
CA PRO A 401 -3.61 4.07 12.07
C PRO A 401 -2.48 3.50 11.22
N SER A 402 -2.33 2.19 11.25
CA SER A 402 -1.35 1.54 10.37
C SER A 402 -1.79 1.68 8.91
N GLY A 403 -0.84 2.07 8.07
CA GLY A 403 -1.03 2.06 6.62
C GLY A 403 -1.32 0.67 6.10
N HIS A 404 -0.46 -0.30 6.43
CA HIS A 404 -0.72 -1.68 6.03
C HIS A 404 -2.14 -2.12 6.40
N ALA A 405 -2.53 -1.87 7.65
CA ALA A 405 -3.84 -2.33 8.14
C ALA A 405 -4.96 -1.75 7.29
N THR A 406 -4.85 -0.46 6.99
CA THR A 406 -5.87 0.24 6.19
C THR A 406 -5.90 -0.23 4.74
N PHE A 407 -4.73 -0.32 4.11
CA PHE A 407 -4.67 -0.81 2.73
C PHE A 407 -5.28 -2.21 2.64
N GLY A 408 -4.92 -3.09 3.59
CA GLY A 408 -5.40 -4.47 3.58
C GLY A 408 -6.90 -4.53 3.84
N GLY A 409 -7.37 -3.70 4.76
CA GLY A 409 -8.82 -3.57 5.00
C GLY A 409 -9.55 -3.26 3.70
N ALA A 410 -9.07 -2.26 2.97
CA ALA A 410 -9.73 -1.79 1.76
C ALA A 410 -9.59 -2.79 0.61
N VAL A 411 -8.38 -3.27 0.36
CA VAL A 411 -8.15 -4.20 -0.74
C VAL A 411 -8.95 -5.49 -0.54
N PHE A 412 -8.82 -6.08 0.64
CA PHE A 412 -9.44 -7.37 0.86
C PHE A 412 -10.93 -7.29 1.11
N GLN A 413 -11.42 -6.20 1.70
CA GLN A 413 -12.89 -6.01 1.72
C GLN A 413 -13.42 -5.83 0.30
N MET A 414 -12.69 -5.11 -0.55
CA MET A 414 -13.15 -4.93 -1.92
C MET A 414 -13.22 -6.27 -2.67
N VAL A 415 -12.22 -7.12 -2.48
CA VAL A 415 -12.20 -8.45 -3.07
C VAL A 415 -13.44 -9.24 -2.58
N ARG A 416 -13.72 -9.13 -1.28
CA ARG A 416 -14.88 -9.80 -0.66
C ARG A 416 -16.19 -9.32 -1.26
N ARG A 417 -16.36 -8.01 -1.41
CA ARG A 417 -17.61 -7.49 -1.98
C ARG A 417 -17.76 -7.98 -3.42
N TYR A 418 -16.65 -8.00 -4.15
CA TYR A 418 -16.68 -8.35 -5.58
C TYR A 418 -17.04 -9.82 -5.84
N TYR A 419 -16.48 -10.70 -5.02
CA TYR A 419 -16.63 -12.14 -5.22
C TYR A 419 -17.76 -12.79 -4.43
N ASN A 420 -18.41 -12.04 -3.53
CA ASN A 420 -19.56 -12.60 -2.80
C ASN A 420 -20.64 -13.07 -3.76
N GLY A 421 -21.10 -14.30 -3.55
CA GLY A 421 -22.06 -14.93 -4.48
C GLY A 421 -21.39 -15.81 -5.51
N ARG A 422 -20.17 -15.45 -5.89
CA ARG A 422 -19.45 -16.13 -6.95
C ARG A 422 -18.57 -17.27 -6.43
N VAL A 423 -17.73 -16.97 -5.44
CA VAL A 423 -16.82 -17.97 -4.86
C VAL A 423 -17.52 -18.74 -3.73
N GLY A 424 -18.44 -18.04 -3.06
CA GLY A 424 -19.21 -18.58 -1.94
C GLY A 424 -20.18 -17.51 -1.51
N THR A 425 -20.84 -17.70 -0.37
CA THR A 425 -21.69 -16.64 0.18
C THR A 425 -21.39 -16.43 1.66
N TRP A 426 -21.34 -15.16 2.04
CA TRP A 426 -21.09 -14.75 3.41
C TRP A 426 -21.79 -13.42 3.66
N LYS A 427 -22.10 -13.13 4.92
CA LYS A 427 -22.56 -11.78 5.29
C LYS A 427 -21.42 -10.79 5.03
N ASP A 428 -21.75 -9.55 4.70
CA ASP A 428 -20.76 -8.56 4.26
C ASP A 428 -19.57 -8.41 5.20
N ASP A 429 -19.81 -8.69 6.48
CA ASP A 429 -18.84 -8.45 7.56
C ASP A 429 -18.39 -9.74 8.25
N GLU A 430 -18.63 -10.88 7.60
CA GLU A 430 -18.25 -12.20 8.13
C GLU A 430 -17.28 -12.91 7.20
N PRO A 431 -16.58 -13.95 7.69
CA PRO A 431 -15.53 -14.62 6.90
C PRO A 431 -15.99 -15.23 5.58
N ASP A 432 -15.18 -15.03 4.55
CA ASP A 432 -15.39 -15.58 3.21
C ASP A 432 -14.62 -16.89 3.03
N ASN A 433 -14.68 -17.44 1.82
CA ASN A 433 -13.95 -18.66 1.47
C ASN A 433 -13.06 -18.47 0.24
N ILE A 434 -12.56 -17.26 0.04
CA ILE A 434 -11.68 -16.94 -1.08
C ILE A 434 -10.25 -17.42 -0.74
N ALA A 435 -10.05 -18.73 -0.85
CA ALA A 435 -8.76 -19.36 -0.53
C ALA A 435 -7.77 -19.23 -1.69
N ILE A 436 -6.48 -19.15 -1.34
CA ILE A 436 -5.41 -19.23 -2.33
C ILE A 436 -4.28 -20.12 -1.83
N ASP A 437 -3.48 -20.60 -2.77
CA ASP A 437 -2.34 -21.49 -2.49
C ASP A 437 -1.10 -20.98 -3.20
N MET A 438 0.06 -21.50 -2.81
CA MET A 438 1.32 -21.23 -3.50
C MET A 438 1.64 -19.74 -3.54
N MET A 439 1.27 -19.02 -2.47
CA MET A 439 1.50 -17.58 -2.42
C MET A 439 2.82 -17.28 -1.70
N ILE A 440 3.74 -16.69 -2.46
CA ILE A 440 5.07 -16.36 -1.96
C ILE A 440 5.23 -14.84 -1.84
N SER A 441 5.76 -14.40 -0.69
CA SER A 441 6.17 -13.01 -0.50
C SER A 441 7.62 -12.86 -0.90
N GLU A 442 7.94 -11.75 -1.55
CA GLU A 442 9.34 -11.47 -1.92
C GLU A 442 10.25 -11.17 -0.72
N GLU A 443 9.65 -10.99 0.46
CA GLU A 443 10.42 -10.85 1.69
C GLU A 443 10.94 -12.20 2.20
N LEU A 444 10.37 -13.31 1.70
CA LEU A 444 10.64 -14.67 2.20
C LEU A 444 10.58 -15.64 1.02
N ASN A 445 11.52 -15.49 0.08
CA ASN A 445 11.42 -16.21 -1.19
C ASN A 445 12.65 -17.04 -1.57
N GLY A 446 13.65 -17.11 -0.71
CA GLY A 446 14.83 -17.90 -0.99
C GLY A 446 15.78 -17.22 -1.95
N VAL A 447 15.52 -15.94 -2.24
CA VAL A 447 16.34 -15.18 -3.19
C VAL A 447 16.79 -13.85 -2.60
N ASN A 448 15.84 -13.03 -2.17
CA ASN A 448 16.18 -11.75 -1.58
C ASN A 448 16.89 -11.95 -0.24
N ARG A 449 17.54 -10.90 0.26
CA ARG A 449 18.58 -11.09 1.26
C ARG A 449 18.92 -9.82 2.00
N ASP A 450 19.52 -10.01 3.17
CA ASP A 450 20.12 -8.94 3.95
C ASP A 450 21.60 -8.89 3.58
N LEU A 451 22.01 -7.84 2.87
CA LEU A 451 23.33 -7.83 2.25
C LEU A 451 24.47 -7.51 3.21
N ARG A 452 25.66 -7.99 2.86
CA ARG A 452 26.87 -7.71 3.66
C ARG A 452 27.52 -6.37 3.30
N GLN A 453 27.13 -5.81 2.16
CA GLN A 453 27.68 -4.57 1.61
C GLN A 453 26.57 -3.83 0.88
N PRO A 454 26.78 -2.56 0.52
CA PRO A 454 25.71 -1.86 -0.19
C PRO A 454 25.23 -2.58 -1.45
N TYR A 455 23.93 -2.45 -1.72
CA TYR A 455 23.35 -3.00 -2.94
C TYR A 455 24.07 -2.51 -4.20
N ASP A 456 24.36 -3.45 -5.11
CA ASP A 456 24.99 -3.16 -6.41
C ASP A 456 23.90 -3.19 -7.48
N PRO A 457 23.52 -2.02 -8.01
CA PRO A 457 22.43 -1.96 -8.98
C PRO A 457 22.81 -2.46 -10.37
N THR A 458 24.04 -2.91 -10.54
CA THR A 458 24.45 -3.45 -11.84
C THR A 458 24.48 -4.98 -11.88
N ALA A 459 24.16 -5.61 -10.75
CA ALA A 459 24.29 -7.05 -10.63
C ALA A 459 22.99 -7.69 -10.16
N PRO A 460 22.72 -8.94 -10.59
CA PRO A 460 21.58 -9.66 -10.04
C PRO A 460 21.74 -9.85 -8.54
N ILE A 461 20.61 -9.87 -7.83
CA ILE A 461 20.67 -9.98 -6.37
C ILE A 461 21.36 -11.27 -5.91
N GLU A 462 21.18 -12.36 -6.67
CA GLU A 462 21.77 -13.66 -6.32
C GLU A 462 23.29 -13.65 -6.40
N ASP A 463 23.87 -12.64 -7.05
CA ASP A 463 25.32 -12.53 -7.20
C ASP A 463 25.94 -11.68 -6.09
N GLN A 464 25.14 -11.32 -5.09
CA GLN A 464 25.59 -10.37 -4.07
C GLN A 464 25.58 -11.03 -2.69
N PRO A 465 26.73 -11.07 -1.99
CA PRO A 465 26.79 -11.68 -0.66
C PRO A 465 25.79 -11.13 0.36
N GLY A 466 25.14 -12.03 1.07
CA GLY A 466 24.20 -11.65 2.10
C GLY A 466 23.55 -12.87 2.68
N ILE A 467 22.71 -12.65 3.69
CA ILE A 467 21.95 -13.74 4.30
C ILE A 467 20.63 -13.86 3.57
N VAL A 468 20.41 -15.03 2.97
CA VAL A 468 19.21 -15.30 2.17
C VAL A 468 17.98 -15.48 3.05
N ARG A 469 16.88 -14.86 2.65
CA ARG A 469 15.59 -15.03 3.32
C ARG A 469 14.98 -16.38 3.00
N THR A 470 14.56 -17.09 4.03
CA THR A 470 13.96 -18.41 3.85
C THR A 470 12.74 -18.36 2.94
N ARG A 471 12.64 -19.34 2.05
CA ARG A 471 11.48 -19.44 1.14
C ARG A 471 10.29 -20.09 1.83
N ILE A 472 9.21 -19.33 1.99
CA ILE A 472 8.02 -19.79 2.69
C ILE A 472 6.80 -19.71 1.77
N VAL A 473 6.28 -20.87 1.38
CA VAL A 473 5.14 -20.92 0.46
C VAL A 473 3.87 -21.03 1.29
N ARG A 474 2.94 -20.10 1.09
CA ARG A 474 1.74 -20.04 1.94
C ARG A 474 0.43 -20.41 1.25
N HIS A 475 -0.48 -20.96 2.04
CA HIS A 475 -1.90 -21.07 1.69
C HIS A 475 -2.68 -20.23 2.67
N PHE A 476 -3.76 -19.62 2.17
CA PHE A 476 -4.70 -18.88 3.00
C PHE A 476 -6.11 -19.37 2.72
N ASP A 477 -6.92 -19.36 3.77
CA ASP A 477 -8.31 -19.85 3.71
C ASP A 477 -9.28 -18.82 3.15
N SER A 478 -8.96 -17.54 3.31
CA SER A 478 -9.93 -16.49 3.04
C SER A 478 -9.25 -15.16 2.91
N ALA A 479 -9.97 -14.22 2.30
CA ALA A 479 -9.55 -12.82 2.29
C ALA A 479 -9.59 -12.23 3.70
N TRP A 480 -10.49 -12.76 4.55
CA TRP A 480 -10.55 -12.36 5.97
C TRP A 480 -9.22 -12.68 6.68
N GLU A 481 -8.67 -13.86 6.40
CA GLU A 481 -7.37 -14.24 6.95
C GLU A 481 -6.24 -13.34 6.43
N LEU A 482 -6.22 -13.10 5.12
CA LEU A 482 -5.24 -12.18 4.52
C LEU A 482 -5.26 -10.82 5.22
N MET A 483 -6.45 -10.27 5.42
CA MET A 483 -6.65 -8.96 6.02
C MET A 483 -6.13 -8.91 7.45
N PHE A 484 -6.45 -9.97 8.21
CA PHE A 484 -6.04 -10.06 9.60
C PHE A 484 -4.53 -10.20 9.72
N GLU A 485 -3.95 -11.13 8.98
CA GLU A 485 -2.52 -11.40 9.14
C GLU A 485 -1.70 -10.19 8.70
N ASN A 486 -2.09 -9.59 7.59
CA ASN A 486 -1.48 -8.35 7.14
C ASN A 486 -1.46 -7.28 8.22
N ALA A 487 -2.57 -7.12 8.93
CA ALA A 487 -2.63 -6.11 9.99
C ALA A 487 -1.73 -6.49 11.17
N ILE A 488 -1.81 -7.71 11.68
CA ILE A 488 -1.02 -8.06 12.89
C ILE A 488 0.48 -8.20 12.59
N SER A 489 0.84 -8.38 11.32
CA SER A 489 2.25 -8.43 10.93
C SER A 489 3.04 -7.28 11.56
N ARG A 490 2.40 -6.11 11.62
CA ARG A 490 3.08 -4.89 12.07
C ARG A 490 3.33 -4.88 13.59
N ILE A 491 2.53 -5.64 14.33
CA ILE A 491 2.73 -5.85 15.76
C ILE A 491 3.99 -6.70 15.92
N PHE A 492 4.11 -7.73 15.09
CA PHE A 492 5.26 -8.63 15.17
C PHE A 492 6.57 -7.91 14.82
N LEU A 493 6.50 -6.95 13.91
CA LEU A 493 7.69 -6.15 13.58
C LEU A 493 8.04 -5.10 14.63
N GLY A 494 7.10 -4.82 15.53
CA GLY A 494 7.32 -3.76 16.53
C GLY A 494 7.20 -2.33 15.99
N VAL A 495 6.58 -2.19 14.82
CA VAL A 495 6.43 -0.87 14.19
C VAL A 495 5.06 -0.26 14.45
N HIS A 496 4.14 -1.04 14.99
CA HIS A 496 2.79 -0.55 15.33
C HIS A 496 2.28 -1.04 16.64
N TRP A 497 1.50 -0.18 17.29
CA TRP A 497 0.69 -0.53 18.47
C TRP A 497 -0.45 -1.44 18.05
N ARG A 498 -0.95 -2.25 18.98
CA ARG A 498 -2.07 -3.14 18.65
C ARG A 498 -3.27 -2.35 18.06
N PHE A 499 -3.54 -1.19 18.64
CA PHE A 499 -4.70 -0.38 18.21
C PHE A 499 -4.48 0.36 16.89
N ASP A 500 -3.25 0.35 16.36
CA ASP A 500 -3.01 0.88 15.01
C ASP A 500 -3.66 -0.04 13.98
N ALA A 501 -3.81 -1.32 14.33
CA ALA A 501 -4.40 -2.34 13.45
C ALA A 501 -5.92 -2.41 13.56
N ALA A 502 -6.42 -2.52 14.79
CA ALA A 502 -7.85 -2.69 15.06
C ALA A 502 -8.01 -2.56 16.56
N ALA A 503 -9.25 -2.48 17.04
CA ALA A 503 -9.46 -2.49 18.48
C ALA A 503 -8.88 -3.79 19.07
N ALA A 504 -8.11 -3.66 20.14
CA ALA A 504 -7.54 -4.84 20.81
C ALA A 504 -8.64 -5.84 21.17
N ARG A 505 -9.79 -5.29 21.57
CA ARG A 505 -10.95 -6.10 21.91
C ARG A 505 -11.43 -7.01 20.77
N ASP A 506 -11.19 -6.61 19.53
CA ASP A 506 -11.63 -7.37 18.35
C ASP A 506 -10.65 -8.43 17.85
N ILE A 507 -9.40 -8.35 18.30
CA ILE A 507 -8.38 -9.28 17.80
C ILE A 507 -7.69 -10.13 18.88
N LEU A 508 -7.72 -9.68 20.13
CA LEU A 508 -7.06 -10.39 21.24
C LEU A 508 -8.07 -11.09 22.16
N ILE A 509 -7.58 -12.00 23.00
CA ILE A 509 -8.43 -12.80 23.90
C ILE A 509 -8.49 -12.09 25.27
N PRO A 510 -9.71 -11.81 25.77
CA PRO A 510 -9.85 -11.02 27.00
C PRO A 510 -9.50 -11.80 28.26
N THR A 511 -9.21 -11.06 29.34
CA THR A 511 -9.07 -11.63 30.67
C THR A 511 -10.11 -10.99 31.57
N THR A 512 -10.07 -11.31 32.86
CA THR A 512 -11.01 -10.72 33.80
C THR A 512 -10.58 -9.30 34.19
N THR A 513 -9.42 -8.88 33.70
CA THR A 513 -8.95 -7.50 33.88
C THR A 513 -9.21 -6.69 32.61
N LYS A 514 -9.93 -5.59 32.75
CA LYS A 514 -10.34 -4.75 31.63
C LYS A 514 -9.13 -4.20 30.86
N ASP A 515 -9.16 -4.38 29.54
CA ASP A 515 -8.13 -3.86 28.61
C ASP A 515 -6.78 -4.57 28.72
N VAL A 516 -6.72 -5.63 29.54
CA VAL A 516 -5.53 -6.47 29.64
C VAL A 516 -5.85 -7.82 29.01
N TYR A 517 -5.06 -8.22 28.02
CA TYR A 517 -5.39 -9.39 27.23
C TYR A 517 -4.53 -10.59 27.55
N ALA A 518 -4.99 -11.76 27.11
CA ALA A 518 -4.39 -13.01 27.50
C ALA A 518 -3.01 -13.23 26.86
N VAL A 519 -2.15 -13.88 27.63
CA VAL A 519 -0.86 -14.32 27.12
C VAL A 519 -0.73 -15.81 27.41
N ASP A 520 0.16 -16.48 26.69
CA ASP A 520 0.49 -17.87 26.99
C ASP A 520 1.47 -17.98 28.17
N ASN A 521 1.97 -19.18 28.40
CA ASN A 521 2.87 -19.51 29.51
C ASN A 521 4.18 -18.72 29.48
N ASN A 522 4.58 -18.30 28.28
CA ASN A 522 5.83 -17.58 28.05
C ASN A 522 5.65 -16.06 27.99
N GLY A 523 4.39 -15.60 28.07
CA GLY A 523 4.11 -14.18 27.99
C GLY A 523 3.81 -13.66 26.59
N ALA A 524 3.67 -14.56 25.62
CA ALA A 524 3.28 -14.19 24.25
C ALA A 524 1.78 -13.99 24.10
N THR A 525 1.40 -12.93 23.40
CA THR A 525 0.01 -12.58 23.13
C THR A 525 -0.72 -13.64 22.30
N VAL A 526 -1.92 -14.00 22.77
CA VAL A 526 -2.82 -14.94 22.11
C VAL A 526 -3.80 -14.14 21.24
N PHE A 527 -4.16 -14.67 20.08
CA PHE A 527 -5.12 -13.99 19.21
C PHE A 527 -6.43 -14.77 19.10
N GLN A 528 -7.54 -14.05 18.89
CA GLN A 528 -8.80 -14.68 18.52
C GLN A 528 -8.61 -15.45 17.23
N ASN A 529 -9.42 -16.50 17.03
CA ASN A 529 -9.43 -17.24 15.78
C ASN A 529 -10.02 -16.36 14.68
N VAL A 530 -9.44 -16.44 13.49
CA VAL A 530 -9.88 -15.66 12.32
C VAL A 530 -11.39 -15.76 12.11
N GLU A 531 -11.94 -16.96 12.23
CA GLU A 531 -13.37 -17.18 11.99
C GLU A 531 -14.26 -16.38 12.93
N ASP A 532 -13.72 -16.03 14.09
CA ASP A 532 -14.47 -15.34 15.15
C ASP A 532 -14.31 -13.82 15.11
N ILE A 533 -13.35 -13.34 14.34
CA ILE A 533 -13.02 -11.92 14.37
C ILE A 533 -14.05 -11.03 13.67
N ARG A 534 -14.51 -10.02 14.41
CA ARG A 534 -15.43 -9.00 13.90
C ARG A 534 -14.91 -7.63 14.31
N TYR A 535 -14.77 -6.74 13.34
CA TYR A 535 -14.23 -5.42 13.61
C TYR A 535 -15.36 -4.46 13.95
N THR A 536 -15.81 -4.54 15.21
CA THR A 536 -17.03 -3.85 15.64
C THR A 536 -16.81 -2.80 16.72
N THR A 537 -15.71 -2.90 17.47
CA THR A 537 -15.55 -2.07 18.65
C THR A 537 -15.24 -0.61 18.29
N ARG A 538 -16.08 0.29 18.77
CA ARG A 538 -15.98 1.71 18.45
C ARG A 538 -15.45 2.52 19.60
N GLY A 539 -15.04 3.75 19.30
CA GLY A 539 -14.56 4.69 20.30
C GLY A 539 -14.92 6.11 19.97
N THR A 540 -14.62 7.02 20.89
CA THR A 540 -14.99 8.43 20.78
C THR A 540 -13.91 9.31 20.12
N ARG A 541 -14.31 10.52 19.70
CA ARG A 541 -13.40 11.57 19.27
C ARG A 541 -13.70 12.85 20.03
N GLU A 542 -12.66 13.60 20.36
CA GLU A 542 -12.80 14.87 21.07
C GLU A 542 -13.47 15.91 20.20
N ASP A 543 -13.15 15.89 18.91
CA ASP A 543 -13.55 16.96 17.97
C ASP A 543 -14.85 16.68 17.21
N ARG A 544 -15.37 15.47 17.33
CA ARG A 544 -16.54 15.06 16.55
C ARG A 544 -17.45 14.16 17.37
N GLU A 545 -18.75 14.41 17.29
CA GLU A 545 -19.74 13.59 18.00
C GLU A 545 -19.88 12.22 17.34
N GLY A 546 -20.22 11.22 18.14
CA GLY A 546 -20.57 9.90 17.63
C GLY A 546 -19.53 8.82 17.88
N LEU A 547 -19.73 7.68 17.23
CA LEU A 547 -18.90 6.49 17.43
C LEU A 547 -18.08 6.24 16.17
N PHE A 548 -16.78 5.98 16.36
CA PHE A 548 -15.85 5.82 15.25
C PHE A 548 -15.06 4.52 15.37
N PRO A 549 -14.64 3.95 14.22
CA PRO A 549 -13.84 2.74 14.29
C PRO A 549 -12.47 3.01 14.91
N ILE A 550 -11.83 1.93 15.33
CA ILE A 550 -10.49 1.99 15.92
C ILE A 550 -9.51 1.24 15.03
N GLY A 551 -8.44 1.94 14.64
CA GLY A 551 -7.38 1.32 13.84
C GLY A 551 -7.63 1.19 12.35
N GLY A 552 -6.61 0.72 11.64
CA GLY A 552 -6.64 0.74 10.18
C GLY A 552 -7.59 -0.22 9.50
N VAL A 553 -7.75 -1.42 10.04
CA VAL A 553 -8.58 -2.42 9.33
C VAL A 553 -10.01 -1.92 9.09
N PRO A 554 -10.72 -1.52 10.17
CA PRO A 554 -12.10 -1.06 9.92
C PRO A 554 -12.17 0.21 9.08
N LEU A 555 -11.14 1.05 9.13
CA LEU A 555 -11.10 2.21 8.23
C LEU A 555 -11.09 1.76 6.77
N GLY A 556 -10.22 0.82 6.43
CA GLY A 556 -10.16 0.31 5.07
C GLY A 556 -11.44 -0.38 4.66
N ILE A 557 -11.99 -1.21 5.55
CA ILE A 557 -13.27 -1.89 5.29
C ILE A 557 -14.36 -0.88 4.91
N GLU A 558 -14.50 0.19 5.71
CA GLU A 558 -15.57 1.14 5.45
C GLU A 558 -15.37 1.90 4.14
N ILE A 559 -14.12 2.18 3.79
CA ILE A 559 -13.81 2.83 2.53
C ILE A 559 -14.18 1.94 1.35
N ALA A 560 -13.80 0.66 1.41
CA ALA A 560 -14.12 -0.28 0.35
C ALA A 560 -15.64 -0.40 0.21
N ASP A 561 -16.34 -0.55 1.33
CA ASP A 561 -17.80 -0.69 1.28
C ASP A 561 -18.46 0.55 0.65
N GLU A 562 -18.03 1.74 1.04
CA GLU A 562 -18.60 2.96 0.46
C GLU A 562 -18.35 3.04 -1.05
N ILE A 563 -17.12 2.75 -1.48
CA ILE A 563 -16.79 2.82 -2.90
C ILE A 563 -17.65 1.84 -3.70
N PHE A 564 -17.72 0.60 -3.22
CA PHE A 564 -18.46 -0.46 -3.93
C PHE A 564 -19.96 -0.18 -3.95
N ASN A 565 -20.50 0.28 -2.82
CA ASN A 565 -21.95 0.58 -2.74
C ASN A 565 -22.38 1.64 -3.73
N ASN A 566 -21.45 2.55 -4.04
CA ASN A 566 -21.72 3.62 -4.99
C ASN A 566 -21.35 3.28 -6.44
N GLY A 567 -20.98 2.03 -6.69
CA GLY A 567 -20.74 1.52 -8.05
C GLY A 567 -19.47 2.00 -8.75
N LEU A 568 -18.52 2.49 -7.96
CA LEU A 568 -17.27 3.11 -8.45
C LEU A 568 -17.59 4.38 -9.25
N LYS A 569 -17.84 5.45 -8.54
CA LYS A 569 -18.09 6.74 -9.17
C LYS A 569 -17.21 7.79 -8.51
N PRO A 570 -16.89 8.88 -9.22
CA PRO A 570 -15.99 9.86 -8.65
C PRO A 570 -16.50 10.54 -7.38
N THR A 571 -15.58 10.89 -6.50
CA THR A 571 -15.87 11.81 -5.40
C THR A 571 -16.52 13.09 -5.98
N PRO A 572 -17.69 13.49 -5.47
CA PRO A 572 -18.24 14.76 -5.98
C PRO A 572 -17.25 15.93 -5.83
N PRO A 573 -17.06 16.73 -6.90
CA PRO A 573 -16.11 17.84 -6.83
C PRO A 573 -16.32 18.74 -5.61
N GLU A 574 -17.58 18.94 -5.25
CA GLU A 574 -17.93 19.85 -4.17
C GLU A 574 -17.51 19.38 -2.77
N ILE A 575 -17.18 18.09 -2.61
CA ILE A 575 -16.67 17.62 -1.31
C ILE A 575 -15.16 17.31 -1.30
N GLN A 576 -14.47 17.64 -2.40
CA GLN A 576 -13.01 17.58 -2.42
C GLN A 576 -12.44 18.68 -1.52
N PRO A 577 -11.24 18.46 -0.95
CA PRO A 577 -10.59 19.50 -0.15
C PRO A 577 -10.37 20.78 -0.94
N MET A 578 -10.63 21.92 -0.32
CA MET A 578 -10.45 23.20 -1.00
C MET A 578 -9.57 24.17 -0.21
N PRO A 579 -9.96 24.43 1.04
CA PRO A 579 -9.26 25.34 1.95
C PRO A 579 -8.42 26.40 1.23
P PO3 B . 2.45 1.20 9.05
O1 PO3 B . 1.71 2.52 9.00
O2 PO3 B . 3.96 1.20 9.10
O3 PO3 B . 1.71 -0.09 8.80
S SO4 C . -9.13 0.46 -34.86
O1 SO4 C . -8.32 1.10 -33.83
O2 SO4 C . -9.15 1.33 -36.03
O3 SO4 C . -10.48 0.22 -34.37
O4 SO4 C . -8.52 -0.83 -35.22
S SO4 D . 11.05 23.58 6.34
O1 SO4 D . 10.13 24.57 6.94
O2 SO4 D . 10.32 22.42 5.79
O3 SO4 D . 11.98 23.12 7.35
O4 SO4 D . 11.78 24.21 5.24
#